data_5Z6S
#
_entry.id   5Z6S
#
_cell.length_a   43.657
_cell.length_b   54.154
_cell.length_c   66.557
_cell.angle_alpha   90.00
_cell.angle_beta   106.82
_cell.angle_gamma   90.00
#
_symmetry.space_group_name_H-M   'P 1 21 1'
#
loop_
_entity.id
_entity.type
_entity.pdbx_description
1 polymer 'Peroxisome proliferator-activated receptor gamma'
2 polymer 'Peptide from Peroxisome proliferator-activated receptor gamma coactivator 1-alpha'
3 non-polymer '3-[[6-(3,5-dimethylpyridin-2-yl)oxy-1-methyl-benzimidazol-2-yl]methoxy]benzoic acid'
4 non-polymer 'CHLORIDE ION'
5 water water
#
loop_
_entity_poly.entity_id
_entity_poly.type
_entity_poly.pdbx_seq_one_letter_code
_entity_poly.pdbx_strand_id
1 'polypeptide(L)'
;MRGSHHHHHHGPESADLRALAKHLYDSYIKSFPLTKAKARAILTGKTTDKSPFVIYDMNSLMMGEDKIKFKHITPLQEQS
KEVAIRIFQGCQFRSVEAVQEITEYAKSIPGFVNLDLNDQVTLLKYGVHEIIYTMLASLMNKDGVLISEGQGFMTREFLK
SLRKPFGDFMEPKFEFAVKFNALELDDSDLAIFIAVIILSGDRPGLLNVKPIEDIQDNLLQALELQLKLNHPESSQLFAK
LLQKMTDLRQIVTEHVQLLQVIKKTETDMSLHPLLQEIYKDLY
;
A
2 'polypeptide(L)' QEAEEPSLLKKLLLAPANT C
#
loop_
_chem_comp.id
_chem_comp.type
_chem_comp.name
_chem_comp.formula
CL non-polymer 'CHLORIDE ION' 'Cl -1'
RTF non-polymer '3-[[6-(3,5-dimethylpyridin-2-yl)oxy-1-methyl-benzimidazol-2-yl]methoxy]benzoic acid' 'C23 H21 N3 O4'
#
# COMPACT_ATOMS: atom_id res chain seq x y z
N PRO A 12 -10.93 21.01 23.18
CA PRO A 12 -11.43 21.33 21.83
C PRO A 12 -11.63 20.10 20.94
N GLU A 13 -12.54 20.22 19.98
CA GLU A 13 -12.79 19.13 19.06
C GLU A 13 -11.54 19.04 18.18
N SER A 14 -10.91 20.19 17.95
CA SER A 14 -9.69 20.22 17.15
C SER A 14 -8.55 19.55 17.89
N ALA A 15 -8.46 19.80 19.20
CA ALA A 15 -7.40 19.18 19.98
C ALA A 15 -7.54 17.67 19.87
N ASP A 16 -8.78 17.18 19.97
CA ASP A 16 -9.02 15.74 19.87
C ASP A 16 -8.63 15.20 18.49
N LEU A 17 -8.82 16.01 17.45
CA LEU A 17 -8.46 15.57 16.10
C LEU A 17 -6.95 15.45 15.95
N ARG A 18 -6.20 16.26 16.68
CA ARG A 18 -4.74 16.19 16.61
C ARG A 18 -4.27 14.96 17.39
N ALA A 19 -4.94 14.66 18.50
CA ALA A 19 -4.57 13.49 19.30
C ALA A 19 -4.84 12.23 18.49
N LEU A 20 -5.91 12.24 17.71
CA LEU A 20 -6.26 11.11 16.86
C LEU A 20 -5.19 10.97 15.78
N ALA A 21 -4.81 12.09 15.19
CA ALA A 21 -3.78 12.08 14.15
C ALA A 21 -2.48 11.50 14.70
N LYS A 22 -2.11 11.90 15.91
CA LYS A 22 -0.88 11.40 16.52
C LYS A 22 -0.98 9.91 16.86
N HIS A 23 -2.15 9.49 17.36
CA HIS A 23 -2.38 8.09 17.70
C HIS A 23 -2.18 7.24 16.45
N LEU A 24 -2.73 7.70 15.33
CA LEU A 24 -2.61 6.99 14.06
C LEU A 24 -1.16 6.94 13.58
N TYR A 25 -0.44 8.04 13.74
CA TYR A 25 0.96 8.08 13.34
C TYR A 25 1.74 7.08 14.15
N ASP A 26 1.56 7.11 15.47
CA ASP A 26 2.28 6.18 16.34
C ASP A 26 1.98 4.73 15.98
N SER A 27 0.72 4.43 15.68
CA SER A 27 0.30 3.07 15.30
C SER A 27 0.92 2.68 13.97
N TYR A 28 0.98 3.65 13.07
CA TYR A 28 1.56 3.49 11.73
C TYR A 28 3.03 3.09 11.88
N ILE A 29 3.74 3.75 12.81
CA ILE A 29 5.14 3.45 13.05
C ILE A 29 5.32 2.03 13.62
N LYS A 30 4.40 1.62 14.49
CA LYS A 30 4.48 0.30 15.08
C LYS A 30 4.15 -0.81 14.08
N SER A 31 3.31 -0.50 13.11
CA SER A 31 2.86 -1.48 12.12
C SER A 31 3.69 -1.64 10.86
N PHE A 32 4.28 -0.55 10.40
CA PHE A 32 5.06 -0.59 9.17
C PHE A 32 6.55 -0.36 9.41
N PRO A 33 7.35 -1.44 9.33
CA PRO A 33 8.79 -1.33 9.55
C PRO A 33 9.53 -0.29 8.69
N LEU A 34 9.17 -0.18 7.41
CA LEU A 34 9.83 0.79 6.55
C LEU A 34 8.90 1.96 6.24
N THR A 35 9.18 3.09 6.88
CA THR A 35 8.39 4.33 6.71
C THR A 35 8.88 5.12 5.51
N LYS A 36 8.10 6.10 5.08
CA LYS A 36 8.50 6.92 3.95
C LYS A 36 9.75 7.71 4.33
N ALA A 37 9.80 8.18 5.58
CA ALA A 37 10.96 8.94 6.03
C ALA A 37 12.23 8.12 5.81
N LYS A 38 12.24 6.90 6.32
CA LYS A 38 13.39 6.02 6.18
C LYS A 38 13.68 5.71 4.71
N ALA A 39 12.62 5.44 3.95
CA ALA A 39 12.77 5.12 2.53
C ALA A 39 13.34 6.25 1.69
N ARG A 40 12.89 7.48 1.91
CA ARG A 40 13.40 8.59 1.11
C ARG A 40 14.87 8.85 1.45
N ALA A 41 15.26 8.53 2.67
CA ALA A 41 16.65 8.71 3.11
C ALA A 41 17.54 7.76 2.32
N ILE A 42 17.04 6.55 2.06
CA ILE A 42 17.80 5.56 1.31
C ILE A 42 17.88 5.98 -0.15
N LEU A 43 16.73 6.34 -0.73
CA LEU A 43 16.66 6.75 -2.12
C LEU A 43 17.50 7.98 -2.42
N THR A 44 17.69 8.85 -1.41
CA THR A 44 18.48 10.05 -1.60
C THR A 44 19.94 9.84 -1.21
N GLY A 45 20.20 8.83 -0.39
CA GLY A 45 21.56 8.55 0.02
C GLY A 45 21.88 8.97 1.45
N LYS A 46 21.11 9.90 1.98
CA LYS A 46 21.33 10.39 3.34
C LYS A 46 21.48 9.25 4.34
N THR A 47 20.86 8.10 4.04
CA THR A 47 20.92 6.94 4.90
C THR A 47 22.32 6.67 5.43
N THR A 48 22.40 6.03 6.60
CA THR A 48 23.67 5.70 7.21
C THR A 48 23.95 4.22 6.98
N ASP A 49 22.88 3.44 6.87
CA ASP A 49 22.98 2.01 6.65
C ASP A 49 23.67 1.69 5.35
N LYS A 50 23.89 0.39 5.11
CA LYS A 50 24.54 -0.06 3.88
C LYS A 50 23.63 0.16 2.68
N SER A 51 24.20 0.66 1.60
CA SER A 51 23.45 0.93 0.37
C SER A 51 22.72 -0.30 -0.14
N PRO A 52 21.56 -0.09 -0.78
CA PRO A 52 20.82 -1.24 -1.30
C PRO A 52 21.52 -1.82 -2.53
N PHE A 53 21.37 -3.13 -2.73
CA PHE A 53 21.97 -3.77 -3.90
C PHE A 53 21.09 -3.45 -5.10
N VAL A 54 21.69 -2.90 -6.15
CA VAL A 54 20.95 -2.52 -7.33
C VAL A 54 20.76 -3.62 -8.37
N ILE A 55 19.50 -3.86 -8.74
CA ILE A 55 19.18 -4.86 -9.74
C ILE A 55 18.71 -4.07 -10.96
N TYR A 56 19.52 -4.10 -12.02
CA TYR A 56 19.23 -3.36 -13.24
C TYR A 56 19.22 -4.22 -14.50
N ASP A 57 19.56 -5.50 -14.37
CA ASP A 57 19.54 -6.40 -15.51
C ASP A 57 19.52 -7.85 -15.03
N MET A 58 19.44 -8.78 -15.97
CA MET A 58 19.39 -10.19 -15.61
C MET A 58 20.59 -10.67 -14.79
N ASN A 59 21.77 -10.18 -15.14
CA ASN A 59 22.98 -10.58 -14.43
C ASN A 59 22.99 -10.07 -12.99
N SER A 60 22.60 -8.81 -12.79
CA SER A 60 22.58 -8.24 -11.45
C SER A 60 21.49 -8.87 -10.59
N LEU A 61 20.43 -9.34 -11.23
CA LEU A 61 19.34 -10.00 -10.49
C LEU A 61 19.88 -11.33 -9.96
N MET A 62 20.68 -12.00 -10.79
CA MET A 62 21.27 -13.27 -10.39
C MET A 62 22.19 -13.06 -9.19
N MET A 63 23.03 -12.03 -9.27
CA MET A 63 23.96 -11.71 -8.19
C MET A 63 23.20 -11.38 -6.91
N GLY A 64 22.10 -10.64 -7.03
CA GLY A 64 21.31 -10.26 -5.87
C GLY A 64 20.54 -11.38 -5.20
N GLU A 65 20.23 -12.43 -5.95
CA GLU A 65 19.49 -13.55 -5.39
C GLU A 65 20.33 -14.21 -4.30
N ASP A 66 21.57 -13.75 -4.19
CA ASP A 66 22.52 -14.27 -3.22
C ASP A 66 22.75 -13.24 -2.12
N LYS A 67 22.45 -11.98 -2.42
CA LYS A 67 22.65 -10.88 -1.48
C LYS A 67 21.39 -10.53 -0.70
N ILE A 68 20.26 -10.45 -1.37
CA ILE A 68 18.99 -10.10 -0.73
C ILE A 68 18.33 -11.32 -0.08
N SER A 80 14.44 -22.39 -11.31
CA SER A 80 13.62 -23.24 -12.17
C SER A 80 12.62 -22.40 -12.96
N LYS A 81 11.97 -21.45 -12.28
CA LYS A 81 11.00 -20.59 -12.94
C LYS A 81 11.73 -19.47 -13.66
N GLU A 82 11.14 -18.97 -14.73
CA GLU A 82 11.76 -17.88 -15.47
C GLU A 82 11.74 -16.61 -14.61
N VAL A 83 12.72 -15.74 -14.83
CA VAL A 83 12.85 -14.50 -14.08
C VAL A 83 11.57 -13.68 -13.92
N ALA A 84 10.83 -13.50 -15.01
CA ALA A 84 9.58 -12.73 -14.97
C ALA A 84 8.59 -13.26 -13.94
N ILE A 85 8.46 -14.58 -13.87
CA ILE A 85 7.54 -15.21 -12.94
C ILE A 85 8.05 -15.08 -11.52
N ARG A 86 9.36 -15.25 -11.35
CA ARG A 86 9.97 -15.15 -10.04
C ARG A 86 9.77 -13.75 -9.48
N ILE A 87 9.91 -12.74 -10.33
CA ILE A 87 9.73 -11.36 -9.91
C ILE A 87 8.26 -11.14 -9.56
N PHE A 88 7.37 -11.56 -10.44
CA PHE A 88 5.94 -11.40 -10.23
C PHE A 88 5.50 -12.03 -8.92
N GLN A 89 5.95 -13.26 -8.66
CA GLN A 89 5.57 -13.95 -7.44
C GLN A 89 6.26 -13.33 -6.23
N GLY A 90 7.39 -12.67 -6.48
CA GLY A 90 8.10 -12.01 -5.39
C GLY A 90 7.26 -10.84 -4.91
N CYS A 91 6.65 -10.13 -5.86
CA CYS A 91 5.79 -9.01 -5.54
C CYS A 91 4.58 -9.52 -4.77
N GLN A 92 4.06 -10.67 -5.17
CA GLN A 92 2.91 -11.26 -4.49
C GLN A 92 3.24 -11.61 -3.05
N PHE A 93 4.43 -12.15 -2.82
CA PHE A 93 4.81 -12.48 -1.46
C PHE A 93 4.97 -11.22 -0.61
N ARG A 94 5.48 -10.15 -1.21
CA ARG A 94 5.62 -8.90 -0.48
C ARG A 94 4.21 -8.38 -0.17
N SER A 95 3.27 -8.60 -1.09
CA SER A 95 1.90 -8.16 -0.88
C SER A 95 1.30 -8.89 0.32
N VAL A 96 1.59 -10.18 0.45
CA VAL A 96 1.09 -10.95 1.58
C VAL A 96 1.62 -10.36 2.88
N GLU A 97 2.90 -10.00 2.89
CA GLU A 97 3.51 -9.40 4.06
C GLU A 97 2.84 -8.07 4.38
N ALA A 98 2.57 -7.29 3.34
CA ALA A 98 1.92 -5.97 3.49
C ALA A 98 0.50 -6.11 4.03
N VAL A 99 -0.24 -7.09 3.55
CA VAL A 99 -1.61 -7.30 4.02
C VAL A 99 -1.63 -7.51 5.53
N GLN A 100 -0.64 -8.26 6.03
CA GLN A 100 -0.57 -8.52 7.46
C GLN A 100 -0.24 -7.25 8.24
N GLU A 101 0.64 -6.43 7.70
CA GLU A 101 1.02 -5.18 8.35
C GLU A 101 -0.17 -4.23 8.37
N ILE A 102 -0.85 -4.14 7.23
CA ILE A 102 -2.02 -3.26 7.12
C ILE A 102 -3.13 -3.72 8.06
N THR A 103 -3.29 -5.03 8.20
CA THR A 103 -4.32 -5.56 9.09
C THR A 103 -4.02 -5.11 10.53
N GLU A 104 -2.76 -5.17 10.93
CA GLU A 104 -2.40 -4.75 12.28
C GLU A 104 -2.66 -3.26 12.45
N TYR A 105 -2.41 -2.48 11.40
CA TYR A 105 -2.66 -1.04 11.48
C TYR A 105 -4.16 -0.78 11.60
N ALA A 106 -4.96 -1.45 10.77
CA ALA A 106 -6.41 -1.27 10.82
C ALA A 106 -6.97 -1.50 12.24
N LYS A 107 -6.44 -2.52 12.91
CA LYS A 107 -6.87 -2.85 14.26
C LYS A 107 -6.56 -1.74 15.28
N SER A 108 -5.67 -0.82 14.91
CA SER A 108 -5.34 0.28 15.80
C SER A 108 -6.24 1.51 15.57
N ILE A 109 -7.00 1.50 14.48
CA ILE A 109 -7.89 2.64 14.21
C ILE A 109 -9.03 2.57 15.21
N PRO A 110 -9.24 3.61 16.01
CA PRO A 110 -10.31 3.63 17.01
C PRO A 110 -11.68 3.24 16.46
N GLY A 111 -12.28 2.23 17.09
CA GLY A 111 -13.59 1.75 16.67
C GLY A 111 -13.56 0.57 15.72
N PHE A 112 -12.44 0.35 15.05
CA PHE A 112 -12.34 -0.74 14.09
C PHE A 112 -12.58 -2.15 14.63
N VAL A 113 -11.92 -2.51 15.74
CA VAL A 113 -12.09 -3.87 16.26
C VAL A 113 -13.46 -4.13 16.85
N ASN A 114 -14.24 -3.08 17.10
CA ASN A 114 -15.58 -3.24 17.64
C ASN A 114 -16.63 -3.37 16.53
N LEU A 115 -16.20 -3.21 15.28
CA LEU A 115 -17.13 -3.36 14.16
C LEU A 115 -17.44 -4.84 13.97
N ASP A 116 -18.57 -5.13 13.33
CA ASP A 116 -18.98 -6.51 13.01
C ASP A 116 -17.73 -7.15 12.38
N LEU A 117 -17.35 -8.34 12.83
CA LEU A 117 -16.16 -9.00 12.32
C LEU A 117 -16.18 -9.23 10.82
N ASN A 118 -17.35 -9.57 10.29
CA ASN A 118 -17.45 -9.79 8.85
C ASN A 118 -17.22 -8.49 8.10
N ASP A 119 -17.63 -7.38 8.69
CA ASP A 119 -17.40 -6.09 8.05
C ASP A 119 -15.92 -5.73 8.09
N GLN A 120 -15.22 -6.13 9.15
CA GLN A 120 -13.78 -5.86 9.23
C GLN A 120 -13.10 -6.60 8.08
N VAL A 121 -13.51 -7.84 7.86
CA VAL A 121 -12.94 -8.64 6.78
C VAL A 121 -13.22 -7.95 5.45
N THR A 122 -14.45 -7.49 5.27
CA THR A 122 -14.83 -6.82 4.02
C THR A 122 -14.01 -5.55 3.79
N LEU A 123 -13.82 -4.75 4.82
CA LEU A 123 -13.05 -3.52 4.66
C LEU A 123 -11.61 -3.84 4.23
N LEU A 124 -11.02 -4.88 4.81
CA LEU A 124 -9.65 -5.25 4.45
C LEU A 124 -9.59 -5.86 3.06
N LYS A 125 -10.51 -6.77 2.79
CA LYS A 125 -10.55 -7.43 1.50
C LYS A 125 -10.57 -6.44 0.34
N TYR A 126 -11.44 -5.44 0.43
CA TYR A 126 -11.56 -4.46 -0.65
C TYR A 126 -10.66 -3.24 -0.53
N GLY A 127 -9.99 -3.10 0.60
CA GLY A 127 -9.11 -1.95 0.79
C GLY A 127 -7.61 -2.17 0.82
N VAL A 128 -7.15 -3.38 1.13
CA VAL A 128 -5.71 -3.59 1.20
C VAL A 128 -4.87 -3.22 -0.01
N HIS A 129 -5.32 -3.54 -1.22
CA HIS A 129 -4.51 -3.20 -2.39
C HIS A 129 -4.37 -1.69 -2.59
N GLU A 130 -5.42 -0.94 -2.29
CA GLU A 130 -5.35 0.51 -2.41
C GLU A 130 -4.29 1.03 -1.43
N ILE A 131 -4.20 0.40 -0.27
CA ILE A 131 -3.21 0.82 0.72
C ILE A 131 -1.82 0.37 0.26
N ILE A 132 -1.73 -0.85 -0.26
CA ILE A 132 -0.45 -1.35 -0.74
C ILE A 132 0.15 -0.41 -1.79
N TYR A 133 -0.67 0.04 -2.74
CA TYR A 133 -0.12 0.92 -3.75
C TYR A 133 0.21 2.31 -3.22
N THR A 134 -0.50 2.73 -2.17
CA THR A 134 -0.23 4.03 -1.55
C THR A 134 1.16 3.95 -0.91
N MET A 135 1.40 2.89 -0.14
CA MET A 135 2.66 2.73 0.55
C MET A 135 3.83 2.38 -0.36
N LEU A 136 3.54 1.71 -1.47
CA LEU A 136 4.59 1.35 -2.42
C LEU A 136 5.21 2.63 -2.98
N ALA A 137 4.36 3.64 -3.20
CA ALA A 137 4.83 4.92 -3.72
C ALA A 137 5.93 5.49 -2.82
N SER A 138 5.80 5.26 -1.52
CA SER A 138 6.80 5.74 -0.57
C SER A 138 8.18 5.12 -0.85
N LEU A 139 8.20 3.95 -1.46
CA LEU A 139 9.44 3.25 -1.77
C LEU A 139 9.92 3.45 -3.22
N MET A 140 9.19 4.25 -3.99
CA MET A 140 9.53 4.48 -5.39
C MET A 140 9.95 5.91 -5.74
N ASN A 141 10.72 6.00 -6.81
CA ASN A 141 11.11 7.29 -7.39
C ASN A 141 10.98 7.02 -8.89
N LYS A 142 11.26 8.00 -9.73
CA LYS A 142 11.11 7.81 -11.16
C LYS A 142 12.00 6.72 -11.75
N ASP A 143 13.06 6.34 -11.04
CA ASP A 143 13.99 5.34 -11.57
C ASP A 143 13.84 3.90 -11.07
N GLY A 144 13.17 3.69 -9.95
CA GLY A 144 13.02 2.33 -9.47
C GLY A 144 12.31 2.21 -8.14
N VAL A 145 12.38 1.03 -7.55
CA VAL A 145 11.70 0.75 -6.29
C VAL A 145 12.52 -0.06 -5.28
N LEU A 146 12.41 0.28 -4.02
CA LEU A 146 13.13 -0.43 -2.96
C LEU A 146 12.45 -1.76 -2.73
N ILE A 147 13.23 -2.80 -2.52
CA ILE A 147 12.69 -4.12 -2.28
C ILE A 147 13.25 -4.73 -1.00
N SER A 148 12.49 -5.65 -0.42
CA SER A 148 12.85 -6.32 0.82
C SER A 148 13.35 -5.34 1.87
N GLU A 149 12.51 -4.36 2.19
CA GLU A 149 12.81 -3.34 3.18
C GLU A 149 14.11 -2.56 2.99
N GLY A 150 14.40 -2.17 1.76
CA GLY A 150 15.60 -1.40 1.49
C GLY A 150 16.88 -2.15 1.20
N GLN A 151 16.83 -3.47 1.19
CA GLN A 151 18.02 -4.28 0.91
C GLN A 151 18.39 -4.23 -0.56
N GLY A 152 17.40 -3.96 -1.41
CA GLY A 152 17.67 -3.88 -2.82
C GLY A 152 16.91 -2.75 -3.47
N PHE A 153 17.32 -2.41 -4.69
CA PHE A 153 16.67 -1.38 -5.47
C PHE A 153 16.57 -1.94 -6.88
N MET A 154 15.33 -2.16 -7.35
CA MET A 154 15.13 -2.70 -8.68
C MET A 154 14.71 -1.55 -9.59
N THR A 155 15.42 -1.38 -10.70
CA THR A 155 15.14 -0.29 -11.62
C THR A 155 13.87 -0.47 -12.41
N ARG A 156 13.20 0.66 -12.64
CA ARG A 156 11.97 0.71 -13.41
C ARG A 156 12.25 0.22 -14.82
N GLU A 157 13.42 0.57 -15.34
CA GLU A 157 13.83 0.16 -16.68
C GLU A 157 13.84 -1.35 -16.82
N PHE A 158 14.41 -2.02 -15.82
CA PHE A 158 14.49 -3.48 -15.83
C PHE A 158 13.11 -4.12 -15.76
N LEU A 159 12.28 -3.62 -14.86
CA LEU A 159 10.93 -4.17 -14.69
C LEU A 159 10.11 -4.09 -15.97
N LYS A 160 10.23 -3.01 -16.74
CA LYS A 160 9.44 -2.96 -17.95
C LYS A 160 10.10 -3.68 -19.12
N SER A 161 11.29 -4.23 -18.87
CA SER A 161 12.01 -4.97 -19.90
C SER A 161 11.57 -6.43 -19.90
N LEU A 162 10.88 -6.84 -18.83
CA LEU A 162 10.41 -8.22 -18.72
C LEU A 162 9.44 -8.54 -19.85
N ARG A 163 9.34 -9.81 -20.19
CA ARG A 163 8.47 -10.24 -21.28
C ARG A 163 7.01 -10.00 -20.95
N LYS A 164 6.21 -9.77 -21.99
CA LYS A 164 4.78 -9.53 -21.79
C LYS A 164 4.17 -10.78 -21.17
N PRO A 165 3.13 -10.61 -20.34
CA PRO A 165 2.48 -9.36 -19.93
C PRO A 165 3.14 -8.71 -18.71
N PHE A 166 4.23 -9.30 -18.25
CA PHE A 166 4.94 -8.82 -17.07
C PHE A 166 5.69 -7.51 -17.23
N GLY A 167 5.93 -7.10 -18.47
CA GLY A 167 6.64 -5.86 -18.71
C GLY A 167 5.89 -4.61 -18.28
N ASP A 168 4.57 -4.69 -18.25
CA ASP A 168 3.74 -3.54 -17.85
C ASP A 168 3.01 -3.79 -16.54
N PHE A 169 3.52 -4.74 -15.76
CA PHE A 169 2.92 -5.07 -14.48
C PHE A 169 2.96 -3.91 -13.50
N MET A 170 4.13 -3.29 -13.36
CA MET A 170 4.29 -2.18 -12.41
C MET A 170 4.29 -0.76 -12.95
N GLU A 171 4.47 -0.60 -14.26
CA GLU A 171 4.51 0.74 -14.85
C GLU A 171 3.37 1.66 -14.38
N PRO A 172 2.12 1.17 -14.36
CA PRO A 172 1.03 2.04 -13.91
C PRO A 172 1.20 2.47 -12.44
N LYS A 173 1.85 1.64 -11.65
CA LYS A 173 2.08 1.96 -10.25
C LYS A 173 3.16 3.03 -10.14
N PHE A 174 4.16 2.96 -11.02
CA PHE A 174 5.24 3.95 -11.04
C PHE A 174 4.65 5.31 -11.47
N GLU A 175 3.79 5.30 -12.48
CA GLU A 175 3.20 6.54 -12.94
C GLU A 175 2.40 7.19 -11.82
N PHE A 176 1.63 6.39 -11.09
CA PHE A 176 0.84 6.90 -9.98
C PHE A 176 1.75 7.48 -8.90
N ALA A 177 2.78 6.73 -8.54
CA ALA A 177 3.70 7.16 -7.48
C ALA A 177 4.39 8.48 -7.78
N VAL A 178 4.83 8.68 -9.01
CA VAL A 178 5.49 9.92 -9.35
C VAL A 178 4.55 11.11 -9.12
N LYS A 179 3.29 10.95 -9.52
CA LYS A 179 2.32 12.01 -9.33
C LYS A 179 1.97 12.18 -7.85
N PHE A 180 1.79 11.06 -7.17
CA PHE A 180 1.45 11.07 -5.74
C PHE A 180 2.58 11.67 -4.91
N ASN A 181 3.81 11.28 -5.20
CA ASN A 181 4.97 11.79 -4.47
C ASN A 181 5.18 13.29 -4.68
N ALA A 182 4.65 13.82 -5.78
CA ALA A 182 4.80 15.24 -6.06
C ALA A 182 4.02 16.07 -5.03
N LEU A 183 3.12 15.42 -4.29
CA LEU A 183 2.33 16.10 -3.27
C LEU A 183 3.10 16.26 -1.96
N GLU A 184 4.24 15.57 -1.88
CA GLU A 184 5.13 15.66 -0.72
C GLU A 184 4.52 15.35 0.65
N LEU A 185 3.68 14.34 0.71
CA LEU A 185 3.08 13.97 2.00
C LEU A 185 4.14 13.32 2.86
N ASP A 186 3.98 13.41 4.18
CA ASP A 186 4.91 12.74 5.08
C ASP A 186 4.15 11.60 5.75
N ASP A 187 4.84 10.86 6.61
CA ASP A 187 4.22 9.73 7.29
C ASP A 187 3.02 10.12 8.13
N SER A 188 3.04 11.32 8.71
CA SER A 188 1.92 11.75 9.52
C SER A 188 0.68 11.94 8.64
N ASP A 189 0.87 12.48 7.44
CA ASP A 189 -0.27 12.68 6.53
C ASP A 189 -0.77 11.30 6.08
N LEU A 190 0.16 10.45 5.69
CA LEU A 190 -0.16 9.12 5.20
C LEU A 190 -0.94 8.25 6.16
N ALA A 191 -0.60 8.31 7.45
CA ALA A 191 -1.30 7.49 8.42
C ALA A 191 -2.80 7.77 8.40
N ILE A 192 -3.18 9.05 8.29
CA ILE A 192 -4.60 9.38 8.29
C ILE A 192 -5.23 9.02 6.92
N PHE A 193 -4.50 9.32 5.86
CA PHE A 193 -4.96 9.04 4.49
C PHE A 193 -5.32 7.55 4.37
N ILE A 194 -4.45 6.68 4.88
CA ILE A 194 -4.68 5.23 4.81
C ILE A 194 -5.88 4.83 5.65
N ALA A 195 -6.00 5.43 6.84
CA ALA A 195 -7.13 5.13 7.72
C ALA A 195 -8.45 5.49 7.04
N VAL A 196 -8.51 6.64 6.38
CA VAL A 196 -9.74 7.04 5.70
C VAL A 196 -10.13 5.99 4.67
N ILE A 197 -9.17 5.55 3.86
CA ILE A 197 -9.44 4.56 2.82
C ILE A 197 -9.97 3.24 3.37
N ILE A 198 -9.35 2.75 4.44
CA ILE A 198 -9.80 1.50 5.02
C ILE A 198 -11.25 1.60 5.49
N LEU A 199 -11.61 2.74 6.08
CA LEU A 199 -12.96 2.91 6.58
C LEU A 199 -13.95 3.43 5.52
N SER A 200 -13.98 2.77 4.38
CA SER A 200 -14.88 3.15 3.28
C SER A 200 -16.22 2.43 3.44
N GLY A 201 -17.29 3.19 3.67
CA GLY A 201 -18.59 2.59 3.86
C GLY A 201 -19.27 2.09 2.61
N ASP A 202 -18.64 2.24 1.45
CA ASP A 202 -19.23 1.80 0.19
C ASP A 202 -18.72 0.47 -0.36
N ARG A 203 -17.94 -0.26 0.45
CA ARG A 203 -17.43 -1.56 0.00
C ARG A 203 -18.60 -2.53 -0.16
N PRO A 204 -18.53 -3.42 -1.15
CA PRO A 204 -19.59 -4.40 -1.40
C PRO A 204 -19.84 -5.37 -0.24
N GLY A 205 -21.11 -5.52 0.12
CA GLY A 205 -21.46 -6.46 1.17
C GLY A 205 -21.36 -6.05 2.62
N LEU A 206 -21.06 -4.79 2.91
CA LEU A 206 -20.97 -4.36 4.31
C LEU A 206 -22.35 -4.50 4.95
N LEU A 207 -22.38 -5.06 6.15
CA LEU A 207 -23.63 -5.28 6.86
C LEU A 207 -24.14 -4.09 7.68
N ASN A 208 -23.22 -3.30 8.21
CA ASN A 208 -23.60 -2.15 9.03
C ASN A 208 -22.74 -0.97 8.60
N VAL A 209 -23.26 -0.20 7.65
CA VAL A 209 -22.53 0.93 7.10
C VAL A 209 -22.40 2.16 7.99
N LYS A 210 -23.46 2.50 8.72
CA LYS A 210 -23.44 3.70 9.57
C LYS A 210 -22.24 3.85 10.51
N PRO A 211 -21.91 2.82 11.31
CA PRO A 211 -20.77 2.95 12.22
C PRO A 211 -19.44 3.16 11.50
N ILE A 212 -19.34 2.61 10.30
CA ILE A 212 -18.12 2.75 9.50
C ILE A 212 -18.05 4.18 8.98
N GLU A 213 -19.18 4.68 8.51
CA GLU A 213 -19.26 6.05 8.01
C GLU A 213 -18.99 7.07 9.12
N ASP A 214 -19.49 6.81 10.33
CA ASP A 214 -19.25 7.76 11.41
C ASP A 214 -17.76 7.84 11.74
N ILE A 215 -17.08 6.69 11.71
CA ILE A 215 -15.65 6.65 11.98
C ILE A 215 -14.93 7.37 10.85
N GLN A 216 -15.32 7.07 9.61
CA GLN A 216 -14.65 7.71 8.49
C GLN A 216 -14.82 9.22 8.50
N ASP A 217 -16.01 9.69 8.85
CA ASP A 217 -16.27 11.13 8.88
C ASP A 217 -15.33 11.80 9.88
N ASN A 218 -15.03 11.12 10.99
CA ASN A 218 -14.15 11.70 11.98
C ASN A 218 -12.73 11.71 11.43
N LEU A 219 -12.35 10.62 10.77
CA LEU A 219 -11.03 10.51 10.18
C LEU A 219 -10.84 11.58 9.10
N LEU A 220 -11.90 11.85 8.34
CA LEU A 220 -11.82 12.86 7.28
C LEU A 220 -11.60 14.24 7.89
N GLN A 221 -12.25 14.51 9.02
CA GLN A 221 -12.07 15.80 9.70
C GLN A 221 -10.63 15.91 10.19
N ALA A 222 -10.08 14.80 10.67
CA ALA A 222 -8.70 14.79 11.15
C ALA A 222 -7.74 15.01 10.00
N LEU A 223 -8.04 14.40 8.85
CA LEU A 223 -7.18 14.54 7.66
C LEU A 223 -7.19 15.99 7.17
N GLU A 224 -8.37 16.59 7.12
CA GLU A 224 -8.46 17.98 6.65
C GLU A 224 -7.64 18.91 7.53
N LEU A 225 -7.76 18.75 8.84
CA LEU A 225 -7.01 19.60 9.77
C LEU A 225 -5.51 19.33 9.64
N GLN A 226 -5.16 18.07 9.49
CA GLN A 226 -3.76 17.67 9.33
C GLN A 226 -3.14 18.37 8.13
N LEU A 227 -3.86 18.37 7.00
CA LEU A 227 -3.35 19.00 5.79
C LEU A 227 -3.27 20.53 5.88
N LYS A 228 -4.23 21.15 6.56
CA LYS A 228 -4.23 22.61 6.69
C LYS A 228 -3.07 23.06 7.57
N LEU A 229 -2.75 22.26 8.58
CA LEU A 229 -1.66 22.60 9.48
C LEU A 229 -0.29 22.21 8.93
N ASN A 230 -0.19 21.01 8.37
CA ASN A 230 1.07 20.51 7.84
C ASN A 230 1.47 21.00 6.45
N HIS A 231 0.49 21.43 5.66
CA HIS A 231 0.72 21.94 4.30
C HIS A 231 -0.09 23.22 4.12
N PRO A 232 0.18 24.24 4.94
CA PRO A 232 -0.55 25.52 4.86
C PRO A 232 -0.58 26.20 3.50
N GLU A 233 0.47 26.00 2.69
CA GLU A 233 0.53 26.65 1.38
C GLU A 233 0.04 25.76 0.24
N SER A 234 -0.23 24.49 0.54
CA SER A 234 -0.68 23.56 -0.50
C SER A 234 -2.16 23.70 -0.77
N SER A 235 -2.50 24.49 -1.76
CA SER A 235 -3.87 24.76 -2.15
C SER A 235 -4.63 23.51 -2.59
N GLN A 236 -5.81 23.34 -2.00
CA GLN A 236 -6.71 22.22 -2.30
C GLN A 236 -6.07 20.84 -2.14
N LEU A 237 -5.13 20.70 -1.23
CA LEU A 237 -4.50 19.39 -1.04
C LEU A 237 -5.52 18.34 -0.63
N PHE A 238 -6.48 18.71 0.21
CA PHE A 238 -7.49 17.76 0.66
C PHE A 238 -8.28 17.23 -0.54
N ALA A 239 -8.73 18.13 -1.39
CA ALA A 239 -9.49 17.72 -2.57
C ALA A 239 -8.64 16.79 -3.43
N LYS A 240 -7.36 17.14 -3.59
CA LYS A 240 -6.46 16.31 -4.39
C LYS A 240 -6.36 14.90 -3.82
N LEU A 241 -6.26 14.78 -2.50
CA LEU A 241 -6.15 13.46 -1.89
C LEU A 241 -7.42 12.66 -2.06
N LEU A 242 -8.58 13.32 -1.99
CA LEU A 242 -9.83 12.60 -2.19
C LEU A 242 -9.78 12.02 -3.60
N GLN A 243 -9.22 12.77 -4.54
CA GLN A 243 -9.13 12.28 -5.92
C GLN A 243 -8.13 11.12 -6.04
N LYS A 244 -7.06 11.15 -5.25
CA LYS A 244 -6.08 10.06 -5.30
C LYS A 244 -6.75 8.78 -4.80
N MET A 245 -7.72 8.92 -3.90
CA MET A 245 -8.44 7.75 -3.39
C MET A 245 -9.20 7.11 -4.52
N THR A 246 -9.79 7.94 -5.38
CA THR A 246 -10.54 7.45 -6.52
C THR A 246 -9.56 6.81 -7.51
N ASP A 247 -8.44 7.49 -7.73
CA ASP A 247 -7.42 7.00 -8.64
C ASP A 247 -6.92 5.62 -8.22
N LEU A 248 -6.77 5.42 -6.92
CA LEU A 248 -6.27 4.15 -6.43
C LEU A 248 -7.22 3.00 -6.72
N ARG A 249 -8.52 3.28 -6.71
CA ARG A 249 -9.48 2.23 -7.00
C ARG A 249 -9.35 1.82 -8.46
N GLN A 250 -8.99 2.78 -9.32
CA GLN A 250 -8.85 2.51 -10.73
C GLN A 250 -7.56 1.72 -10.97
N ILE A 251 -6.55 1.98 -10.15
CA ILE A 251 -5.28 1.28 -10.27
C ILE A 251 -5.52 -0.18 -9.91
N VAL A 252 -6.29 -0.42 -8.85
CA VAL A 252 -6.57 -1.80 -8.45
C VAL A 252 -7.40 -2.51 -9.52
N THR A 253 -8.38 -1.82 -10.09
CA THR A 253 -9.22 -2.42 -11.12
C THR A 253 -8.35 -2.93 -12.26
N GLU A 254 -7.42 -2.11 -12.72
CA GLU A 254 -6.54 -2.48 -13.82
C GLU A 254 -5.63 -3.64 -13.46
N HIS A 255 -5.13 -3.63 -12.22
CA HIS A 255 -4.27 -4.68 -11.72
C HIS A 255 -5.02 -6.01 -11.75
N VAL A 256 -6.23 -6.00 -11.22
CA VAL A 256 -7.06 -7.19 -11.19
C VAL A 256 -7.31 -7.69 -12.62
N GLN A 257 -7.52 -6.74 -13.52
CA GLN A 257 -7.76 -7.06 -14.92
C GLN A 257 -6.53 -7.73 -15.54
N LEU A 258 -5.34 -7.23 -15.16
CA LEU A 258 -4.11 -7.79 -15.70
C LEU A 258 -3.85 -9.18 -15.13
N LEU A 259 -4.20 -9.38 -13.86
CA LEU A 259 -4.00 -10.66 -13.22
C LEU A 259 -4.79 -11.75 -13.93
N GLN A 260 -5.98 -11.40 -14.40
CA GLN A 260 -6.82 -12.36 -15.11
C GLN A 260 -6.29 -12.68 -16.49
N VAL A 261 -5.52 -11.76 -17.06
CA VAL A 261 -4.92 -11.96 -18.37
C VAL A 261 -3.77 -12.93 -18.19
N ILE A 262 -3.07 -12.79 -17.07
CA ILE A 262 -1.93 -13.64 -16.74
C ILE A 262 -2.40 -15.05 -16.37
N LYS A 263 -3.39 -15.13 -15.51
CA LYS A 263 -3.92 -16.41 -15.06
C LYS A 263 -4.77 -17.06 -16.15
N LYS A 264 -4.66 -16.52 -17.37
CA LYS A 264 -5.41 -17.04 -18.50
C LYS A 264 -4.45 -17.53 -19.58
N THR A 265 -3.24 -16.98 -19.59
CA THR A 265 -2.23 -17.33 -20.58
C THR A 265 -1.03 -18.04 -19.95
N GLU A 266 -0.86 -17.89 -18.65
CA GLU A 266 0.25 -18.53 -17.95
C GLU A 266 -0.27 -19.73 -17.18
N THR A 267 0.55 -20.78 -17.11
CA THR A 267 0.16 -21.99 -16.39
C THR A 267 1.13 -22.31 -15.25
N ASP A 268 0.82 -23.40 -14.54
CA ASP A 268 1.65 -23.86 -13.44
C ASP A 268 1.95 -22.81 -12.37
N MET A 269 1.31 -21.65 -12.48
CA MET A 269 1.54 -20.60 -11.49
C MET A 269 0.67 -20.79 -10.24
N SER A 270 1.29 -20.63 -9.08
CA SER A 270 0.60 -20.78 -7.81
C SER A 270 0.33 -19.42 -7.19
N LEU A 271 -0.88 -19.24 -6.68
CA LEU A 271 -1.27 -17.99 -6.04
C LEU A 271 -1.33 -18.20 -4.53
N HIS A 272 -0.75 -17.28 -3.77
CA HIS A 272 -0.76 -17.41 -2.32
C HIS A 272 -2.22 -17.41 -1.85
N PRO A 273 -2.56 -18.33 -0.93
CA PRO A 273 -3.93 -18.42 -0.41
C PRO A 273 -4.52 -17.13 0.15
N LEU A 274 -3.68 -16.29 0.76
CA LEU A 274 -4.21 -15.03 1.29
C LEU A 274 -4.66 -14.15 0.13
N LEU A 275 -3.91 -14.19 -0.97
CA LEU A 275 -4.28 -13.39 -2.14
C LEU A 275 -5.45 -14.02 -2.87
N GLN A 276 -5.53 -15.34 -2.83
CA GLN A 276 -6.63 -16.04 -3.49
C GLN A 276 -7.92 -15.64 -2.80
N GLU A 277 -7.84 -15.47 -1.49
CA GLU A 277 -9.00 -15.08 -0.70
C GLU A 277 -9.44 -13.65 -1.01
N ILE A 278 -8.46 -12.76 -1.10
CA ILE A 278 -8.73 -11.36 -1.40
C ILE A 278 -9.24 -11.16 -2.82
N TYR A 279 -8.69 -11.90 -3.77
CA TYR A 279 -9.10 -11.75 -5.16
C TYR A 279 -10.44 -12.41 -5.51
N LYS A 280 -10.88 -13.34 -4.67
CA LYS A 280 -12.13 -14.03 -4.92
C LYS A 280 -13.27 -13.02 -4.94
N ASP A 281 -14.18 -13.17 -5.91
CA ASP A 281 -15.30 -12.25 -6.03
C ASP A 281 -14.79 -10.81 -5.98
N LEU A 282 -13.70 -10.57 -6.71
CA LEU A 282 -13.09 -9.24 -6.76
C LEU A 282 -12.24 -9.10 -8.01
N SER B 7 -12.07 -17.60 7.37
CA SER B 7 -11.16 -17.10 6.30
C SER B 7 -9.83 -16.73 6.93
N LEU B 8 -8.82 -16.53 6.10
CA LEU B 8 -7.50 -16.16 6.59
C LEU B 8 -7.50 -14.73 7.13
N LEU B 9 -8.23 -13.84 6.47
CA LEU B 9 -8.30 -12.45 6.92
C LEU B 9 -8.93 -12.39 8.30
N LYS B 10 -9.95 -13.21 8.51
CA LYS B 10 -10.62 -13.25 9.81
C LYS B 10 -9.63 -13.70 10.89
N LYS B 11 -8.82 -14.70 10.57
CA LYS B 11 -7.85 -15.20 11.54
C LYS B 11 -6.80 -14.15 11.88
N LEU B 12 -6.34 -13.40 10.88
CA LEU B 12 -5.36 -12.34 11.12
C LEU B 12 -5.98 -11.27 12.00
N LEU B 13 -7.26 -10.98 11.77
CA LEU B 13 -7.96 -9.97 12.54
C LEU B 13 -8.14 -10.35 14.01
N LEU B 14 -8.27 -11.65 14.26
CA LEU B 14 -8.52 -12.16 15.61
C LEU B 14 -7.29 -12.35 16.50
N ALA B 15 -6.12 -12.50 15.90
CA ALA B 15 -4.90 -12.70 16.66
C ALA B 15 -4.50 -11.42 17.39
N PRO B 16 -4.60 -11.41 18.73
CA PRO B 16 -4.21 -10.20 19.46
C PRO B 16 -2.72 -9.91 19.32
C1 RTF C . 10.99 -9.31 -6.25
C2 RTF C . 10.57 -8.10 -6.78
C3 RTF C . 10.04 -8.74 -4.10
C4 RTF C . 10.74 -9.64 -4.91
C5 RTF C . 9.62 -7.54 -4.62
C6 RTF C . 9.88 -7.21 -5.98
N7 RTF C . 9.34 -5.95 -6.22
C8 RTF C . 8.80 -5.57 -5.05
N9 RTF C . 8.92 -6.47 -4.07
C10 RTF C . 9.41 -5.26 -7.51
C11 RTF C . 8.08 -4.26 -4.87
O12 RTF C . 7.15 -4.05 -5.93
O13 RTF C . 11.67 -10.20 -7.07
C14 RTF C . 5.87 -4.48 -5.58
C15 RTF C . 4.87 -4.47 -6.54
C16 RTF C . 3.57 -4.89 -6.22
C17 RTF C . 3.29 -5.33 -4.94
C18 RTF C . 4.29 -5.35 -3.97
C19 RTF C . 5.57 -4.93 -4.29
C20 RTF C . 2.52 -4.86 -7.24
O21 RTF C . 2.67 -4.26 -8.26
O22 RTF C . 1.41 -5.56 -6.94
C23 RTF C . 13.02 -10.35 -6.72
C24 RTF C . 13.63 -11.56 -7.02
C25 RTF C . 14.97 -11.74 -6.69
C26 RTF C . 15.64 -10.70 -6.07
C27 RTF C . 14.96 -9.53 -5.81
N28 RTF C . 13.67 -9.33 -6.12
C29 RTF C . 12.86 -12.66 -7.68
C30 RTF C . 17.10 -10.85 -5.69
CL CL D . 9.17 10.35 -6.97
CL CL E . -14.86 -1.35 -3.52
#